data_7ATX
#
_entry.id   7ATX
#
_cell.length_a   68.916
_cell.length_b   83.029
_cell.length_c   89.531
_cell.angle_alpha   90.000
_cell.angle_beta   90.000
_cell.angle_gamma   90.000
#
_symmetry.space_group_name_H-M   'P 21 21 21'
#
loop_
_entity.id
_entity.type
_entity.pdbx_description
1 polymer 'Peptidoglycan D,D-transpeptidase FtsI'
2 non-polymer 4-(1-hydroxy-1,3-dihydrobenzo[c][1,2]oxaborole-6-carbonyl)-1,3,3-trimethylpiperazin-2-one
3 water water
#
_entity_poly.entity_id   1
_entity_poly.type   'polypeptide(L)'
_entity_poly.pdbx_seq_one_letter_code
;GPGYQDPARSVRHIAIPAHRGLITDRNGEPLAVSTPVTTLWANPKELMTAKERWPQLAAALGQDTKLFADRIEQNAEREF
IYLVRGLTPEQGEGVIALKVPGVYSIEEFRRFYPAGEVVAHAVGFTDVDDRGREGIELAFDEWLAGVPGKRQVLKDRRGR
VIKDVQVTKNAKPGKTLALSIDLRLQYLAHRELRNALLENGAKAGSLVIMDVKTGEILAMTNQPTYNPNNRRNLQPAAMR
NRAMIDVFEPGSTVKPFSMSAALASGRWKPSDIVDVYPGTLQIGRYTIRDVSRNSRQLDLTGILIKSSNVGISKIAFDIG
AESIYSVMQQVGLGQDTGLGFPGERVGNLPNHRKWPKAETATLAYGYGLSVTAIQLAHAYAALANDGKSVPLSMTRVDRV
PDGVQVISPEVASTVQGMLQQVVEAQGGVFRAQVPGYHAAGKSGTARKVSVGTKGYRENAYRSLFAGFAPATDPRIAMVV
VIDEPSKAGYFGGLVSAPVFSKVMAGALRLMNVPPDNLPTATEQQQVNAAPAKGGRG
;
_entity_poly.pdbx_strand_id   A
#
loop_
_chem_comp.id
_chem_comp.type
_chem_comp.name
_chem_comp.formula
S1B non-polymer 4-(1-hydroxy-1,3-dihydrobenzo[c][1,2]oxaborole-6-carbonyl)-1,3,3-trimethylpiperazin-2-one 'C15 H19 B N2 O4'
#
# COMPACT_ATOMS: atom_id res chain seq x y z
N PRO A 7 22.36 -33.18 -34.77
CA PRO A 7 23.52 -33.83 -34.13
C PRO A 7 23.25 -35.31 -33.75
N ALA A 8 24.31 -36.14 -33.75
CA ALA A 8 24.29 -37.55 -33.29
C ALA A 8 23.93 -37.57 -31.81
N ARG A 9 24.34 -36.52 -31.08
CA ARG A 9 24.05 -36.26 -29.64
C ARG A 9 24.53 -34.84 -29.31
N SER A 10 23.95 -34.19 -28.29
CA SER A 10 24.28 -32.78 -27.89
C SER A 10 24.29 -32.64 -26.36
N VAL A 11 25.36 -32.03 -25.81
CA VAL A 11 25.46 -31.63 -24.37
C VAL A 11 24.82 -30.25 -24.23
N ARG A 12 23.87 -30.11 -23.29
CA ARG A 12 23.01 -28.92 -23.15
C ARG A 12 22.97 -28.45 -21.69
N HIS A 13 22.95 -27.13 -21.52
CA HIS A 13 22.49 -26.34 -20.35
C HIS A 13 21.08 -26.78 -19.93
N ILE A 14 20.83 -26.94 -18.63
CA ILE A 14 19.44 -26.89 -18.06
C ILE A 14 19.49 -26.02 -16.79
N ALA A 15 18.57 -25.05 -16.71
CA ALA A 15 18.39 -24.14 -15.55
C ALA A 15 17.60 -24.87 -14.45
N ILE A 16 18.13 -24.84 -13.24
CA ILE A 16 17.50 -25.40 -12.01
C ILE A 16 16.81 -24.23 -11.29
N PRO A 17 15.46 -24.15 -11.33
CA PRO A 17 14.73 -23.03 -10.71
C PRO A 17 15.06 -22.96 -9.22
N ALA A 18 15.19 -21.75 -8.69
CA ALA A 18 15.39 -21.51 -7.24
C ALA A 18 14.01 -21.53 -6.59
N HIS A 19 13.93 -21.95 -5.33
CA HIS A 19 12.70 -21.80 -4.48
C HIS A 19 12.59 -20.34 -4.02
N ARG A 20 11.54 -19.65 -4.43
CA ARG A 20 11.25 -18.23 -4.05
C ARG A 20 11.04 -18.11 -2.54
N GLY A 21 11.64 -17.08 -1.92
CA GLY A 21 11.63 -16.84 -0.47
C GLY A 21 10.23 -16.63 0.06
N LEU A 22 10.02 -17.09 1.28
CA LEU A 22 8.73 -16.96 1.98
C LEU A 22 8.55 -15.48 2.36
N ILE A 23 7.37 -14.92 2.12
CA ILE A 23 6.98 -13.59 2.70
C ILE A 23 6.11 -13.88 3.90
N THR A 24 6.44 -13.27 5.02
CA THR A 24 5.59 -13.34 6.24
C THR A 24 5.16 -11.95 6.64
N ASP A 25 4.19 -11.88 7.55
CA ASP A 25 3.90 -10.67 8.32
C ASP A 25 4.97 -10.50 9.39
N ARG A 26 4.87 -9.44 10.16
CA ARG A 26 5.93 -9.06 11.12
C ARG A 26 6.05 -10.15 12.21
N ASN A 27 5.05 -11.01 12.40
CA ASN A 27 5.05 -12.04 13.47
C ASN A 27 5.33 -13.41 12.86
N GLY A 28 5.65 -13.48 11.58
CA GLY A 28 5.98 -14.74 10.91
C GLY A 28 4.76 -15.43 10.34
N GLU A 29 3.59 -14.81 10.29
CA GLU A 29 2.41 -15.45 9.62
C GLU A 29 2.63 -15.45 8.11
N PRO A 30 2.49 -16.59 7.40
CA PRO A 30 2.74 -16.67 5.96
C PRO A 30 1.79 -15.84 5.10
N LEU A 31 2.35 -15.06 4.17
CA LEU A 31 1.57 -14.22 3.23
C LEU A 31 1.80 -14.62 1.79
N ALA A 32 2.97 -15.16 1.45
CA ALA A 32 3.24 -15.67 0.10
C ALA A 32 4.18 -16.86 0.25
N VAL A 33 3.77 -18.01 -0.28
CA VAL A 33 4.56 -19.26 -0.13
C VAL A 33 4.61 -19.99 -1.46
N SER A 34 5.82 -20.40 -1.78
CA SER A 34 6.11 -21.16 -3.02
C SER A 34 5.80 -22.63 -2.78
N THR A 35 4.80 -23.12 -3.51
CA THR A 35 4.10 -24.45 -3.44
C THR A 35 4.51 -25.30 -4.63
N PRO A 36 4.94 -26.56 -4.45
CA PRO A 36 5.11 -27.48 -5.59
C PRO A 36 3.80 -27.68 -6.35
N VAL A 37 3.79 -27.38 -7.65
CA VAL A 37 2.65 -27.71 -8.55
C VAL A 37 3.15 -28.70 -9.60
N THR A 38 2.25 -29.61 -9.99
CA THR A 38 2.46 -30.63 -11.04
C THR A 38 2.27 -29.89 -12.37
N THR A 39 3.30 -29.91 -13.21
CA THR A 39 3.30 -29.46 -14.62
C THR A 39 3.54 -30.71 -15.48
N LEU A 40 2.70 -30.90 -16.51
CA LEU A 40 2.90 -31.92 -17.57
C LEU A 40 3.43 -31.16 -18.78
N TRP A 41 4.52 -31.65 -19.36
CA TRP A 41 5.07 -31.15 -20.64
C TRP A 41 5.29 -32.36 -21.57
N ALA A 42 5.59 -32.08 -22.83
CA ALA A 42 5.73 -33.12 -23.86
C ALA A 42 6.88 -32.78 -24.76
N ASN A 43 7.46 -33.81 -25.37
CA ASN A 43 8.42 -33.69 -26.49
C ASN A 43 7.71 -34.09 -27.77
N PRO A 44 7.28 -33.13 -28.61
CA PRO A 44 6.67 -33.44 -29.92
C PRO A 44 7.36 -34.54 -30.75
N LYS A 45 8.69 -34.54 -30.76
CA LYS A 45 9.48 -35.44 -31.65
C LYS A 45 9.17 -36.88 -31.26
N GLU A 46 9.06 -37.15 -29.96
CA GLU A 46 8.69 -38.48 -29.41
C GLU A 46 7.19 -38.71 -29.60
N LEU A 47 6.37 -37.68 -29.38
CA LEU A 47 4.89 -37.73 -29.55
C LEU A 47 4.52 -38.18 -30.97
N MET A 48 5.21 -37.71 -32.01
CA MET A 48 4.89 -38.02 -33.42
C MET A 48 5.01 -39.53 -33.70
N THR A 49 5.72 -40.29 -32.88
CA THR A 49 5.86 -41.76 -33.02
C THR A 49 4.76 -42.50 -32.24
N ALA A 50 3.76 -41.81 -31.68
CA ALA A 50 2.74 -42.48 -30.84
C ALA A 50 1.37 -41.84 -31.04
N LYS A 51 1.03 -41.54 -32.30
CA LYS A 51 -0.25 -40.89 -32.68
C LYS A 51 -1.45 -41.63 -32.07
N GLU A 52 -1.45 -42.96 -32.02
CA GLU A 52 -2.64 -43.67 -31.49
C GLU A 52 -2.86 -43.34 -30.01
N ARG A 53 -1.87 -42.76 -29.32
CA ARG A 53 -2.00 -42.39 -27.89
C ARG A 53 -2.65 -41.00 -27.75
N TRP A 54 -2.61 -40.16 -28.79
CA TRP A 54 -2.99 -38.72 -28.71
C TRP A 54 -4.41 -38.57 -28.18
N PRO A 55 -5.45 -39.18 -28.78
CA PRO A 55 -6.82 -38.94 -28.34
C PRO A 55 -7.02 -39.16 -26.85
N GLN A 56 -6.46 -40.26 -26.31
CA GLN A 56 -6.49 -40.57 -24.86
C GLN A 56 -5.78 -39.46 -24.09
N LEU A 57 -4.62 -39.00 -24.59
CA LEU A 57 -3.88 -37.87 -23.99
C LEU A 57 -4.78 -36.61 -24.03
N ALA A 58 -5.27 -36.25 -25.23
CA ALA A 58 -6.21 -35.10 -25.46
C ALA A 58 -7.36 -35.13 -24.44
N ALA A 59 -8.08 -36.24 -24.35
CA ALA A 59 -9.29 -36.39 -23.51
C ALA A 59 -8.90 -36.26 -22.03
N ALA A 60 -7.69 -36.65 -21.65
CA ALA A 60 -7.20 -36.57 -20.25
C ALA A 60 -6.97 -35.10 -19.89
N LEU A 61 -6.49 -34.31 -20.85
CA LEU A 61 -6.22 -32.85 -20.69
C LEU A 61 -7.50 -32.06 -20.98
N GLY A 62 -8.61 -32.72 -21.31
CA GLY A 62 -9.89 -32.06 -21.63
C GLY A 62 -9.78 -31.16 -22.86
N GLN A 63 -9.01 -31.60 -23.87
CA GLN A 63 -8.79 -30.85 -25.14
C GLN A 63 -9.56 -31.54 -26.27
N ASP A 64 -10.00 -30.78 -27.28
CA ASP A 64 -10.62 -31.38 -28.49
C ASP A 64 -9.52 -32.21 -29.14
N THR A 65 -9.85 -33.45 -29.50
CA THR A 65 -8.90 -34.39 -30.14
C THR A 65 -8.21 -33.66 -31.30
N LYS A 66 -8.97 -32.99 -32.16
CA LYS A 66 -8.45 -32.44 -33.43
C LYS A 66 -7.57 -31.22 -33.14
N LEU A 67 -7.98 -30.32 -32.24
CA LEU A 67 -7.17 -29.12 -31.87
C LEU A 67 -5.86 -29.61 -31.27
N PHE A 68 -5.92 -30.63 -30.42
CA PHE A 68 -4.71 -31.21 -29.79
C PHE A 68 -3.80 -31.83 -30.86
N ALA A 69 -4.32 -32.68 -31.75
CA ALA A 69 -3.56 -33.25 -32.90
C ALA A 69 -2.96 -32.15 -33.76
N ASP A 70 -3.73 -31.12 -34.11
CA ASP A 70 -3.22 -29.96 -34.92
C ASP A 70 -2.08 -29.28 -34.13
N ARG A 71 -2.22 -29.16 -32.81
CA ARG A 71 -1.21 -28.49 -31.94
CA ARG A 71 -1.21 -28.49 -31.94
C ARG A 71 0.12 -29.26 -32.02
N ILE A 72 0.08 -30.60 -31.98
CA ILE A 72 1.30 -31.45 -32.03
C ILE A 72 1.91 -31.38 -33.43
N GLU A 73 1.11 -31.58 -34.48
CA GLU A 73 1.60 -31.59 -35.89
C GLU A 73 2.31 -30.27 -36.20
N GLN A 74 1.69 -29.13 -35.86
CA GLN A 74 2.21 -27.77 -36.15
C GLN A 74 3.52 -27.49 -35.37
N ASN A 75 3.90 -28.36 -34.42
CA ASN A 75 5.12 -28.19 -33.58
C ASN A 75 5.96 -29.47 -33.58
N ALA A 76 5.86 -30.28 -34.64
CA ALA A 76 6.49 -31.62 -34.72
C ALA A 76 8.02 -31.48 -34.73
N GLU A 77 8.53 -30.24 -34.80
CA GLU A 77 9.95 -29.91 -35.05
C GLU A 77 10.63 -29.36 -33.79
N ARG A 78 9.92 -29.31 -32.65
CA ARG A 78 10.44 -28.74 -31.38
C ARG A 78 10.47 -29.84 -30.32
N GLU A 79 11.31 -29.67 -29.29
CA GLU A 79 11.59 -30.69 -28.24
C GLU A 79 10.79 -30.35 -26.98
N PHE A 80 10.00 -29.27 -26.99
CA PHE A 80 9.27 -28.81 -25.79
C PHE A 80 7.97 -28.13 -26.20
N ILE A 81 6.91 -28.43 -25.45
CA ILE A 81 5.65 -27.64 -25.34
C ILE A 81 5.07 -27.94 -23.96
N TYR A 82 4.58 -26.91 -23.29
CA TYR A 82 3.72 -27.07 -22.09
C TYR A 82 2.45 -27.79 -22.55
N LEU A 83 1.93 -28.66 -21.70
CA LEU A 83 0.59 -29.28 -21.89
C LEU A 83 -0.36 -28.56 -20.93
N VAL A 84 -0.08 -28.59 -19.62
CA VAL A 84 -0.92 -27.96 -18.55
C VAL A 84 -0.06 -27.73 -17.30
N ARG A 85 -0.16 -26.54 -16.72
CA ARG A 85 0.64 -26.11 -15.55
C ARG A 85 -0.32 -25.92 -14.37
N GLY A 86 0.11 -26.30 -13.17
CA GLY A 86 -0.65 -26.11 -11.92
C GLY A 86 -1.64 -27.22 -11.68
N LEU A 87 -1.20 -28.48 -11.77
CA LEU A 87 -2.03 -29.67 -11.45
C LEU A 87 -1.67 -30.14 -10.03
N THR A 88 -2.62 -30.74 -9.31
CA THR A 88 -2.35 -31.50 -8.05
C THR A 88 -1.56 -32.75 -8.44
N PRO A 89 -0.85 -33.40 -7.48
CA PRO A 89 -0.07 -34.60 -7.81
C PRO A 89 -0.96 -35.64 -8.52
N GLU A 90 -2.23 -35.75 -8.11
CA GLU A 90 -3.22 -36.79 -8.53
C GLU A 90 -3.44 -36.77 -10.04
N GLN A 91 -3.71 -35.60 -10.63
CA GLN A 91 -3.95 -35.47 -12.10
C GLN A 91 -2.61 -35.54 -12.86
N GLY A 92 -1.48 -35.31 -12.18
CA GLY A 92 -0.15 -35.68 -12.68
C GLY A 92 -0.06 -37.17 -12.95
N GLU A 93 -0.25 -37.98 -11.90
CA GLU A 93 -0.23 -39.48 -11.94
C GLU A 93 -1.43 -40.02 -12.76
N GLY A 94 -2.57 -39.30 -12.80
CA GLY A 94 -3.73 -39.64 -13.65
C GLY A 94 -3.39 -39.62 -15.14
N VAL A 95 -2.35 -38.86 -15.53
CA VAL A 95 -1.91 -38.65 -16.95
C VAL A 95 -0.62 -39.43 -17.22
N ILE A 96 0.30 -39.48 -16.26
CA ILE A 96 1.53 -40.32 -16.35
C ILE A 96 1.13 -41.80 -16.37
N ALA A 97 0.01 -42.15 -15.72
CA ALA A 97 -0.63 -43.50 -15.74
C ALA A 97 -0.77 -44.01 -17.18
N LEU A 98 -1.14 -43.13 -18.12
CA LEU A 98 -1.28 -43.44 -19.56
C LEU A 98 0.05 -43.96 -20.13
N LYS A 99 1.19 -43.44 -19.66
CA LYS A 99 2.56 -43.82 -20.10
C LYS A 99 2.68 -43.53 -21.60
N VAL A 100 2.35 -42.32 -22.01
CA VAL A 100 2.51 -41.88 -23.43
C VAL A 100 3.97 -41.53 -23.67
N PRO A 101 4.60 -42.07 -24.73
CA PRO A 101 5.93 -41.63 -25.12
C PRO A 101 5.96 -40.12 -25.34
N GLY A 102 6.94 -39.43 -24.74
CA GLY A 102 7.20 -37.99 -24.92
C GLY A 102 6.45 -37.10 -23.94
N VAL A 103 5.64 -37.68 -23.05
CA VAL A 103 4.87 -36.94 -22.00
C VAL A 103 5.61 -37.07 -20.67
N TYR A 104 5.82 -35.95 -19.94
CA TYR A 104 6.55 -35.93 -18.65
C TYR A 104 5.78 -35.09 -17.62
N SER A 105 5.98 -35.45 -16.36
CA SER A 105 5.53 -34.68 -15.16
C SER A 105 6.77 -34.03 -14.56
N ILE A 106 6.63 -32.77 -14.11
CA ILE A 106 7.63 -32.02 -13.29
C ILE A 106 6.85 -31.22 -12.23
N GLU A 107 7.41 -31.14 -11.02
CA GLU A 107 6.95 -30.19 -9.97
C GLU A 107 7.65 -28.86 -10.25
N GLU A 108 6.86 -27.83 -10.53
CA GLU A 108 7.28 -26.40 -10.55
C GLU A 108 6.85 -25.78 -9.23
N PHE A 109 7.46 -24.66 -8.85
CA PHE A 109 7.01 -23.81 -7.71
C PHE A 109 6.05 -22.76 -8.24
N ARG A 110 4.89 -22.64 -7.59
CA ARG A 110 3.95 -21.52 -7.82
C ARG A 110 3.61 -20.92 -6.45
N ARG A 111 3.23 -19.66 -6.46
CA ARG A 111 2.92 -18.87 -5.26
C ARG A 111 1.51 -19.19 -4.79
N PHE A 112 1.34 -19.37 -3.48
CA PHE A 112 0.01 -19.32 -2.85
C PHE A 112 -0.01 -18.17 -1.83
N TYR A 113 -1.11 -17.44 -1.77
CA TYR A 113 -1.33 -16.25 -0.93
C TYR A 113 -2.34 -16.62 0.14
N PRO A 114 -1.92 -17.13 1.32
CA PRO A 114 -2.87 -17.66 2.30
C PRO A 114 -3.89 -16.64 2.79
N ALA A 115 -3.55 -15.34 2.80
CA ALA A 115 -4.45 -14.29 3.32
C ALA A 115 -5.31 -13.71 2.19
N GLY A 116 -5.00 -14.03 0.95
CA GLY A 116 -5.83 -13.68 -0.21
C GLY A 116 -6.09 -12.18 -0.28
N GLU A 117 -7.36 -11.79 -0.35
CA GLU A 117 -7.78 -10.43 -0.77
C GLU A 117 -7.35 -9.43 0.31
N VAL A 118 -7.22 -9.89 1.55
CA VAL A 118 -6.97 -9.09 2.78
C VAL A 118 -5.66 -8.29 2.63
N VAL A 119 -4.64 -8.80 1.94
CA VAL A 119 -3.32 -8.09 1.89
C VAL A 119 -2.79 -8.10 0.46
N ALA A 120 -3.72 -8.12 -0.50
CA ALA A 120 -3.42 -8.34 -1.93
C ALA A 120 -2.48 -7.26 -2.45
N HIS A 121 -2.87 -6.01 -2.24
CA HIS A 121 -2.18 -4.83 -2.81
C HIS A 121 -0.76 -4.74 -2.26
N ALA A 122 -0.61 -4.86 -0.95
CA ALA A 122 0.69 -4.82 -0.23
C ALA A 122 1.59 -5.96 -0.70
N VAL A 123 1.09 -7.19 -0.76
CA VAL A 123 1.98 -8.33 -1.08
C VAL A 123 2.19 -8.38 -2.60
N GLY A 124 1.12 -8.10 -3.36
CA GLY A 124 1.08 -8.27 -4.82
C GLY A 124 1.05 -9.75 -5.20
N PHE A 125 1.72 -10.10 -6.29
CA PHE A 125 1.63 -11.43 -6.93
C PHE A 125 2.72 -11.58 -7.98
N THR A 126 3.03 -12.84 -8.30
CA THR A 126 4.04 -13.26 -9.29
C THR A 126 3.32 -13.55 -10.61
N ASP A 127 4.03 -13.52 -11.74
CA ASP A 127 3.49 -13.85 -13.08
C ASP A 127 3.70 -15.36 -13.33
N VAL A 128 3.41 -15.83 -14.54
CA VAL A 128 3.48 -17.27 -14.94
C VAL A 128 4.91 -17.79 -14.78
N ASP A 129 5.93 -16.96 -15.05
CA ASP A 129 7.38 -17.26 -14.86
C ASP A 129 7.82 -17.07 -13.40
N ASP A 130 6.88 -16.88 -12.45
CA ASP A 130 7.22 -16.85 -11.00
C ASP A 130 8.04 -15.59 -10.67
N ARG A 131 7.87 -14.53 -11.46
CA ARG A 131 8.50 -13.20 -11.24
C ARG A 131 7.44 -12.25 -10.66
N GLY A 132 7.86 -11.38 -9.74
CA GLY A 132 6.97 -10.36 -9.14
C GLY A 132 6.38 -9.49 -10.23
N ARG A 133 5.05 -9.27 -10.20
CA ARG A 133 4.28 -8.38 -11.11
C ARG A 133 3.71 -7.14 -10.39
N GLU A 134 3.50 -7.20 -9.07
CA GLU A 134 2.88 -6.14 -8.24
C GLU A 134 3.42 -6.22 -6.80
N GLY A 135 3.22 -5.14 -6.05
CA GLY A 135 3.44 -5.07 -4.61
C GLY A 135 4.84 -5.48 -4.21
N ILE A 136 4.97 -6.06 -3.02
CA ILE A 136 6.26 -6.50 -2.44
C ILE A 136 6.93 -7.52 -3.35
N GLU A 137 6.15 -8.37 -4.03
CA GLU A 137 6.65 -9.48 -4.90
C GLU A 137 7.57 -8.86 -5.97
N LEU A 138 7.13 -7.76 -6.56
CA LEU A 138 7.95 -6.99 -7.54
C LEU A 138 9.02 -6.21 -6.80
N ALA A 139 8.66 -5.43 -5.77
CA ALA A 139 9.60 -4.51 -5.07
C ALA A 139 10.80 -5.28 -4.51
N PHE A 140 10.63 -6.51 -3.99
CA PHE A 140 11.77 -7.27 -3.40
C PHE A 140 12.08 -8.52 -4.25
N ASP A 141 11.71 -8.49 -5.53
CA ASP A 141 11.82 -9.64 -6.46
C ASP A 141 13.23 -10.22 -6.38
N GLU A 142 14.27 -9.38 -6.39
CA GLU A 142 15.69 -9.85 -6.38
C GLU A 142 15.92 -10.67 -5.11
N TRP A 143 15.60 -10.10 -3.96
CA TRP A 143 15.77 -10.75 -2.64
C TRP A 143 15.04 -12.10 -2.58
N LEU A 144 13.80 -12.15 -3.08
CA LEU A 144 12.88 -13.32 -2.96
C LEU A 144 13.22 -14.40 -4.01
N ALA A 145 13.70 -14.00 -5.18
CA ALA A 145 13.91 -14.85 -6.37
C ALA A 145 15.05 -15.84 -6.12
N GLY A 146 16.12 -15.42 -5.46
CA GLY A 146 17.33 -16.27 -5.34
C GLY A 146 18.02 -16.44 -6.69
N VAL A 147 18.94 -17.39 -6.81
CA VAL A 147 19.75 -17.56 -8.05
C VAL A 147 19.42 -18.92 -8.66
N PRO A 148 18.84 -18.98 -9.89
CA PRO A 148 18.55 -20.26 -10.52
C PRO A 148 19.89 -21.02 -10.67
N GLY A 149 19.85 -22.35 -10.65
CA GLY A 149 21.03 -23.22 -10.79
C GLY A 149 21.24 -23.64 -12.24
N LYS A 150 22.23 -24.50 -12.49
CA LYS A 150 22.58 -24.96 -13.87
C LYS A 150 23.17 -26.37 -13.80
N ARG A 151 22.75 -27.25 -14.72
CA ARG A 151 23.37 -28.59 -14.88
C ARG A 151 23.47 -28.97 -16.36
N GLN A 152 24.54 -29.70 -16.66
CA GLN A 152 24.85 -30.27 -17.99
C GLN A 152 24.14 -31.62 -18.09
N VAL A 153 23.41 -31.79 -19.20
CA VAL A 153 22.69 -33.03 -19.60
C VAL A 153 23.19 -33.45 -21.00
N LEU A 154 23.10 -34.74 -21.31
CA LEU A 154 23.29 -35.26 -22.68
C LEU A 154 21.91 -35.56 -23.28
N LYS A 155 21.70 -35.19 -24.55
CA LYS A 155 20.41 -35.36 -25.27
C LYS A 155 20.63 -36.15 -26.58
N ASP A 156 19.68 -37.00 -26.94
CA ASP A 156 19.67 -37.81 -28.19
C ASP A 156 19.27 -36.92 -29.38
N ARG A 157 19.06 -37.54 -30.55
CA ARG A 157 18.53 -36.92 -31.79
C ARG A 157 17.21 -36.20 -31.48
N ARG A 158 16.29 -36.88 -30.77
CA ARG A 158 14.93 -36.37 -30.42
C ARG A 158 15.01 -35.31 -29.31
N GLY A 159 16.18 -35.08 -28.72
CA GLY A 159 16.43 -34.00 -27.73
C GLY A 159 15.92 -34.36 -26.34
N ARG A 160 15.93 -35.65 -25.97
CA ARG A 160 15.53 -36.18 -24.64
C ARG A 160 16.79 -36.36 -23.78
N VAL A 161 16.66 -36.17 -22.45
CA VAL A 161 17.77 -36.27 -21.45
C VAL A 161 18.15 -37.74 -21.24
N ILE A 162 19.34 -38.12 -21.71
CA ILE A 162 19.87 -39.51 -21.73
C ILE A 162 20.83 -39.72 -20.55
N LYS A 163 21.33 -38.62 -19.96
CA LYS A 163 22.39 -38.66 -18.92
C LYS A 163 22.49 -37.29 -18.24
N ASP A 164 22.57 -37.29 -16.91
CA ASP A 164 22.91 -36.09 -16.09
C ASP A 164 24.42 -36.10 -15.87
N VAL A 165 25.11 -35.12 -16.47
CA VAL A 165 26.60 -35.01 -16.50
C VAL A 165 27.07 -34.47 -15.14
N GLN A 166 26.71 -33.23 -14.81
CA GLN A 166 27.03 -32.59 -13.51
C GLN A 166 26.15 -31.35 -13.29
N VAL A 167 25.82 -31.07 -12.03
CA VAL A 167 25.46 -29.71 -11.53
C VAL A 167 26.72 -28.85 -11.71
N THR A 168 26.61 -27.74 -12.46
CA THR A 168 27.74 -26.80 -12.75
C THR A 168 27.62 -25.59 -11.80
N LYS A 169 26.39 -25.21 -11.43
CA LYS A 169 26.05 -24.24 -10.35
C LYS A 169 24.83 -24.76 -9.57
N ASN A 170 24.92 -24.73 -8.23
CA ASN A 170 23.79 -25.06 -7.32
C ASN A 170 22.77 -23.91 -7.38
N ALA A 171 21.47 -24.23 -7.49
CA ALA A 171 20.37 -23.26 -7.29
C ALA A 171 20.52 -22.65 -5.89
N LYS A 172 20.50 -21.32 -5.78
CA LYS A 172 20.48 -20.61 -4.47
C LYS A 172 19.03 -20.25 -4.13
N PRO A 173 18.52 -20.66 -2.94
CA PRO A 173 17.15 -20.32 -2.54
C PRO A 173 17.01 -18.82 -2.32
N GLY A 174 15.87 -18.24 -2.73
CA GLY A 174 15.46 -16.87 -2.32
C GLY A 174 15.40 -16.80 -0.80
N LYS A 175 15.38 -15.60 -0.24
CA LYS A 175 15.50 -15.39 1.22
C LYS A 175 14.13 -14.97 1.76
N THR A 176 13.90 -15.28 3.03
CA THR A 176 12.62 -15.00 3.71
C THR A 176 12.56 -13.48 3.89
N LEU A 177 11.36 -12.90 3.83
CA LEU A 177 11.13 -11.46 4.07
C LEU A 177 9.94 -11.31 5.01
N ALA A 178 10.18 -10.70 6.17
CA ALA A 178 9.17 -10.32 7.16
C ALA A 178 8.74 -8.89 6.83
N LEU A 179 7.47 -8.73 6.44
CA LEU A 179 6.87 -7.39 6.23
C LEU A 179 6.67 -6.69 7.57
N SER A 180 6.44 -5.39 7.50
CA SER A 180 6.09 -4.55 8.66
C SER A 180 4.61 -4.82 9.00
N ILE A 181 3.84 -5.32 8.05
CA ILE A 181 2.37 -5.53 8.19
C ILE A 181 2.11 -6.46 9.38
N ASP A 182 1.18 -6.08 10.24
CA ASP A 182 0.60 -6.99 11.27
C ASP A 182 -0.71 -7.54 10.71
N LEU A 183 -0.74 -8.81 10.33
CA LEU A 183 -1.90 -9.42 9.65
C LEU A 183 -3.20 -9.20 10.46
N ARG A 184 -3.09 -9.16 11.78
CA ARG A 184 -4.28 -8.97 12.66
C ARG A 184 -4.81 -7.55 12.46
N LEU A 185 -3.93 -6.54 12.45
CA LEU A 185 -4.36 -5.12 12.20
C LEU A 185 -4.90 -5.00 10.80
N GLN A 186 -4.25 -5.70 9.84
CA GLN A 186 -4.60 -5.68 8.41
C GLN A 186 -6.03 -6.25 8.25
N TYR A 187 -6.39 -7.34 8.95
CA TYR A 187 -7.76 -7.93 8.92
C TYR A 187 -8.78 -6.91 9.43
N LEU A 188 -8.53 -6.35 10.60
CA LEU A 188 -9.36 -5.32 11.27
C LEU A 188 -9.57 -4.14 10.32
N ALA A 189 -8.51 -3.68 9.66
CA ALA A 189 -8.57 -2.52 8.75
C ALA A 189 -9.39 -2.85 7.51
N HIS A 190 -9.12 -3.98 6.86
CA HIS A 190 -9.83 -4.49 5.68
C HIS A 190 -11.33 -4.56 5.98
N ARG A 191 -11.68 -5.15 7.13
CA ARG A 191 -13.09 -5.37 7.53
C ARG A 191 -13.77 -4.02 7.76
N GLU A 192 -13.16 -3.16 8.58
CA GLU A 192 -13.79 -1.88 8.99
C GLU A 192 -13.92 -1.00 7.76
N LEU A 193 -12.94 -0.99 6.85
CA LEU A 193 -13.05 -0.18 5.62
C LEU A 193 -14.19 -0.71 4.76
N ARG A 194 -14.29 -2.04 4.63
CA ARG A 194 -15.33 -2.67 3.79
C ARG A 194 -16.71 -2.21 4.30
N ASN A 195 -16.94 -2.28 5.61
CA ASN A 195 -18.21 -1.96 6.31
C ASN A 195 -18.52 -0.46 6.19
N ALA A 196 -17.49 0.37 6.08
CA ALA A 196 -17.58 1.84 5.93
C ALA A 196 -18.08 2.19 4.54
N LEU A 197 -17.55 1.54 3.51
CA LEU A 197 -17.93 1.81 2.11
C LEU A 197 -19.42 1.50 1.98
N LEU A 198 -19.82 0.34 2.50
CA LEU A 198 -21.23 -0.14 2.47
C LEU A 198 -22.11 0.90 3.15
N GLU A 199 -21.93 1.09 4.45
CA GLU A 199 -22.68 2.07 5.29
C GLU A 199 -22.77 3.43 4.58
N ASN A 200 -21.68 3.95 4.02
CA ASN A 200 -21.58 5.34 3.50
C ASN A 200 -21.94 5.38 2.01
N GLY A 201 -22.10 4.21 1.38
CA GLY A 201 -22.54 4.07 -0.01
C GLY A 201 -21.44 4.39 -1.00
N ALA A 202 -20.19 4.26 -0.56
CA ALA A 202 -19.01 4.76 -1.31
C ALA A 202 -18.46 3.66 -2.25
N LYS A 203 -17.72 4.08 -3.27
CA LYS A 203 -17.23 3.21 -4.36
C LYS A 203 -15.82 2.67 -4.04
N ALA A 204 -14.99 3.41 -3.31
CA ALA A 204 -13.59 3.02 -3.05
C ALA A 204 -13.04 3.73 -1.82
N GLY A 205 -11.82 3.34 -1.44
CA GLY A 205 -11.26 3.80 -0.17
C GLY A 205 -9.89 3.20 0.10
N SER A 206 -9.21 3.77 1.08
CA SER A 206 -7.90 3.27 1.57
CA SER A 206 -7.87 3.36 1.55
C SER A 206 -7.79 3.54 3.07
N LEU A 207 -6.95 2.75 3.72
CA LEU A 207 -6.67 2.95 5.14
C LEU A 207 -5.22 2.52 5.36
N VAL A 208 -4.43 3.44 5.90
CA VAL A 208 -3.00 3.19 6.28
C VAL A 208 -2.88 3.32 7.78
N ILE A 209 -2.10 2.42 8.39
CA ILE A 209 -1.73 2.48 9.81
C ILE A 209 -0.21 2.38 9.83
N MET A 210 0.39 3.33 10.51
CA MET A 210 1.84 3.43 10.71
C MET A 210 2.20 3.42 12.19
N ASP A 211 3.33 2.80 12.50
CA ASP A 211 4.00 2.94 13.80
C ASP A 211 4.78 4.27 13.78
N VAL A 212 4.45 5.19 14.67
CA VAL A 212 5.02 6.57 14.58
C VAL A 212 6.48 6.56 15.04
N LYS A 213 6.88 5.57 15.81
CA LYS A 213 8.25 5.45 16.35
C LYS A 213 9.23 4.76 15.39
N THR A 214 8.78 3.88 14.50
CA THR A 214 9.65 2.94 13.74
C THR A 214 9.55 3.18 12.21
N GLY A 215 8.56 3.96 11.77
CA GLY A 215 8.21 4.21 10.36
C GLY A 215 7.56 3.02 9.69
N GLU A 216 7.22 1.98 10.45
CA GLU A 216 6.62 0.73 9.91
C GLU A 216 5.17 0.98 9.46
N ILE A 217 4.85 0.43 8.29
CA ILE A 217 3.45 0.37 7.80
C ILE A 217 2.85 -0.89 8.42
N LEU A 218 1.98 -0.70 9.41
CA LEU A 218 1.39 -1.86 10.11
C LEU A 218 0.19 -2.43 9.34
N ALA A 219 -0.52 -1.60 8.60
CA ALA A 219 -1.65 -2.01 7.76
C ALA A 219 -1.73 -1.05 6.58
N MET A 220 -1.95 -1.61 5.41
CA MET A 220 -2.31 -0.85 4.17
C MET A 220 -3.39 -1.63 3.43
N THR A 221 -4.61 -1.12 3.42
CA THR A 221 -5.78 -1.79 2.80
C THR A 221 -6.46 -0.80 1.85
N ASN A 222 -6.87 -1.32 0.70
CA ASN A 222 -7.59 -0.62 -0.38
C ASN A 222 -8.84 -1.43 -0.69
N GLN A 223 -9.95 -0.74 -0.96
CA GLN A 223 -11.16 -1.33 -1.57
C GLN A 223 -11.46 -0.52 -2.83
N PRO A 224 -11.93 -1.17 -3.91
CA PRO A 224 -12.12 -2.62 -3.92
C PRO A 224 -10.80 -3.39 -3.98
N THR A 225 -10.86 -4.66 -3.59
CA THR A 225 -9.68 -5.57 -3.51
C THR A 225 -9.96 -6.76 -4.44
N TYR A 226 -9.00 -7.68 -4.56
CA TYR A 226 -9.11 -8.88 -5.44
C TYR A 226 -8.47 -10.07 -4.71
N ASN A 227 -8.77 -11.27 -5.17
CA ASN A 227 -8.13 -12.49 -4.67
C ASN A 227 -6.95 -12.77 -5.59
N PRO A 228 -5.71 -12.64 -5.11
CA PRO A 228 -4.54 -12.86 -5.96
C PRO A 228 -4.36 -14.34 -6.34
N ASN A 229 -5.08 -15.24 -5.66
CA ASN A 229 -5.03 -16.69 -5.97
C ASN A 229 -5.90 -16.96 -7.21
N ASN A 230 -6.86 -16.09 -7.54
CA ASN A 230 -7.78 -16.26 -8.69
C ASN A 230 -7.87 -14.95 -9.49
N ARG A 231 -7.01 -14.78 -10.50
CA ARG A 231 -6.89 -13.49 -11.22
C ARG A 231 -7.44 -13.54 -12.65
N ARG A 232 -8.19 -14.59 -13.01
CA ARG A 232 -8.70 -14.79 -14.40
C ARG A 232 -9.53 -13.57 -14.82
N ASN A 233 -10.50 -13.15 -14.00
CA ASN A 233 -11.47 -12.07 -14.34
C ASN A 233 -10.90 -10.73 -13.87
N LEU A 234 -9.64 -10.47 -14.23
CA LEU A 234 -8.85 -9.29 -13.78
C LEU A 234 -9.58 -7.98 -14.16
N GLN A 235 -9.51 -7.00 -13.26
CA GLN A 235 -10.01 -5.62 -13.45
C GLN A 235 -9.01 -4.65 -12.83
N PRO A 236 -8.40 -3.73 -13.63
CA PRO A 236 -7.41 -2.79 -13.08
C PRO A 236 -7.93 -1.92 -11.94
N ALA A 237 -9.26 -1.77 -11.84
CA ALA A 237 -9.98 -1.08 -10.75
C ALA A 237 -9.71 -1.77 -9.41
N ALA A 238 -9.74 -3.10 -9.40
CA ALA A 238 -9.60 -3.93 -8.19
C ALA A 238 -8.12 -4.01 -7.80
N MET A 239 -7.25 -3.97 -8.82
CA MET A 239 -5.76 -4.12 -8.71
C MET A 239 -5.08 -2.82 -8.29
N ARG A 240 -5.85 -1.72 -8.26
CA ARG A 240 -5.36 -0.35 -8.00
C ARG A 240 -4.95 -0.24 -6.52
N ASN A 241 -3.66 -0.10 -6.27
CA ASN A 241 -3.12 0.16 -4.92
C ASN A 241 -3.33 1.65 -4.54
N ARG A 242 -4.55 2.05 -4.22
CA ARG A 242 -4.98 3.48 -4.12
C ARG A 242 -4.10 4.25 -3.12
N ALA A 243 -3.76 3.64 -1.97
CA ALA A 243 -3.01 4.28 -0.87
C ALA A 243 -1.67 4.84 -1.37
N MET A 244 -1.06 4.21 -2.36
CA MET A 244 0.28 4.61 -2.85
C MET A 244 0.22 5.27 -4.24
N ILE A 245 -0.94 5.23 -4.90
CA ILE A 245 -1.10 5.64 -6.32
C ILE A 245 -2.05 6.84 -6.42
N ASP A 246 -3.16 6.86 -5.69
CA ASP A 246 -4.18 7.93 -5.81
C ASP A 246 -3.60 9.23 -5.23
N VAL A 247 -3.58 10.28 -6.05
CA VAL A 247 -3.03 11.60 -5.61
C VAL A 247 -4.24 12.50 -5.43
N PHE A 248 -4.26 13.30 -4.37
CA PHE A 248 -5.39 14.20 -4.07
C PHE A 248 -4.86 15.44 -3.32
N GLU A 249 -5.57 16.55 -3.43
CA GLU A 249 -5.35 17.77 -2.62
C GLU A 249 -5.81 17.48 -1.20
N PRO A 250 -4.93 17.56 -0.19
CA PRO A 250 -5.26 17.09 1.17
C PRO A 250 -6.20 18.00 1.95
N GLY A 251 -6.42 19.25 1.49
CA GLY A 251 -7.30 20.21 2.18
C GLY A 251 -6.92 20.35 3.63
N SER A 252 -7.90 20.36 4.51
CA SER A 252 -7.72 20.79 5.92
C SER A 252 -6.76 19.85 6.64
N THR A 253 -6.54 18.65 6.16
CA THR A 253 -5.64 17.67 6.83
C THR A 253 -4.20 18.17 6.84
N VAL A 254 -3.83 19.16 6.03
CA VAL A 254 -2.46 19.72 6.17
C VAL A 254 -2.44 21.02 6.96
N LYS A 255 -3.59 21.54 7.40
CA LYS A 255 -3.60 22.78 8.22
C LYS A 255 -2.71 22.62 9.47
N PRO A 256 -2.55 21.43 10.10
CA PRO A 256 -1.66 21.30 11.27
C PRO A 256 -0.19 21.60 10.94
N PHE A 257 0.21 21.40 9.69
CA PHE A 257 1.58 21.75 9.21
C PHE A 257 1.66 23.26 9.01
N SER A 258 0.61 23.91 8.50
CA SER A 258 0.54 25.38 8.44
C SER A 258 0.67 25.93 9.89
N MET A 259 -0.03 25.33 10.85
CA MET A 259 -0.03 25.79 12.26
C MET A 259 1.37 25.56 12.86
N SER A 260 2.03 24.47 12.48
CA SER A 260 3.40 24.13 12.97
C SER A 260 4.36 25.24 12.55
N ALA A 261 4.27 25.69 11.31
CA ALA A 261 5.06 26.84 10.81
C ALA A 261 4.69 28.13 11.60
N ALA A 262 3.40 28.36 11.87
CA ALA A 262 2.95 29.55 12.64
C ALA A 262 3.59 29.54 14.03
N LEU A 263 3.57 28.40 14.72
CA LEU A 263 4.05 28.35 16.12
C LEU A 263 5.57 28.42 16.19
N ALA A 264 6.27 28.10 15.09
CA ALA A 264 7.75 28.13 15.02
C ALA A 264 8.24 29.51 14.60
N SER A 265 7.36 30.37 14.11
CA SER A 265 7.68 31.68 13.52
C SER A 265 8.09 32.68 14.63
N GLY A 266 7.68 32.46 15.87
CA GLY A 266 7.82 33.44 16.97
C GLY A 266 6.65 34.40 17.06
N ARG A 267 5.71 34.34 16.11
CA ARG A 267 4.69 35.40 15.97
C ARG A 267 3.33 34.90 16.45
N TRP A 268 3.19 33.63 16.82
CA TRP A 268 1.85 33.03 17.08
C TRP A 268 1.88 32.13 18.30
N LYS A 269 0.82 32.18 19.10
CA LYS A 269 0.56 31.17 20.15
C LYS A 269 -0.87 30.66 20.02
N PRO A 270 -1.20 29.50 20.61
CA PRO A 270 -2.54 28.94 20.48
C PRO A 270 -3.65 29.91 20.87
N SER A 271 -3.45 30.72 21.89
CA SER A 271 -4.54 31.58 22.44
C SER A 271 -4.62 32.86 21.62
N ASP A 272 -3.76 33.05 20.62
CA ASP A 272 -3.89 34.23 19.73
C ASP A 272 -5.21 34.13 18.95
N ILE A 273 -5.69 35.28 18.55
CA ILE A 273 -7.03 35.46 17.94
C ILE A 273 -6.85 35.96 16.51
N VAL A 274 -7.68 35.45 15.60
CA VAL A 274 -7.87 35.99 14.22
C VAL A 274 -9.38 36.25 14.02
N ASP A 275 -9.72 37.43 13.51
CA ASP A 275 -11.07 37.79 13.05
C ASP A 275 -11.32 37.18 11.67
N VAL A 276 -12.25 36.25 11.53
CA VAL A 276 -12.52 35.57 10.23
C VAL A 276 -13.84 36.06 9.65
N TYR A 277 -14.45 37.06 10.27
CA TYR A 277 -15.72 37.63 9.75
C TYR A 277 -15.44 38.25 8.39
N PRO A 278 -16.33 38.15 7.37
CA PRO A 278 -17.59 37.40 7.44
C PRO A 278 -17.54 35.98 6.85
N GLY A 279 -16.40 35.29 6.94
CA GLY A 279 -16.29 33.94 6.39
C GLY A 279 -15.82 34.00 4.95
N THR A 280 -15.50 35.17 4.47
CA THR A 280 -14.89 35.28 3.14
C THR A 280 -13.78 36.31 3.23
N LEU A 281 -12.85 36.24 2.30
CA LEU A 281 -11.75 37.19 2.22
C LEU A 281 -11.41 37.36 0.75
N GLN A 282 -11.53 38.57 0.23
CA GLN A 282 -11.20 38.82 -1.20
C GLN A 282 -9.68 39.10 -1.28
N ILE A 283 -8.95 38.42 -2.16
CA ILE A 283 -7.53 38.72 -2.47
C ILE A 283 -7.37 38.84 -3.99
N GLY A 284 -7.09 40.04 -4.48
CA GLY A 284 -7.14 40.33 -5.92
C GLY A 284 -8.48 39.91 -6.50
N ARG A 285 -8.46 39.09 -7.56
CA ARG A 285 -9.70 38.62 -8.24
C ARG A 285 -10.28 37.41 -7.50
N TYR A 286 -9.51 36.81 -6.59
CA TYR A 286 -9.86 35.54 -5.90
C TYR A 286 -10.59 35.83 -4.58
N THR A 287 -11.47 34.93 -4.18
CA THR A 287 -12.25 34.96 -2.91
C THR A 287 -12.03 33.66 -2.13
N ILE A 288 -11.40 33.75 -0.97
CA ILE A 288 -11.26 32.60 -0.04
C ILE A 288 -12.58 32.49 0.70
N ARG A 289 -13.10 31.28 0.85
CA ARG A 289 -14.48 31.10 1.36
C ARG A 289 -14.40 30.02 2.41
N ASP A 290 -15.00 30.26 3.58
CA ASP A 290 -15.02 29.25 4.65
C ASP A 290 -16.21 28.33 4.45
N VAL A 291 -16.06 27.09 4.92
CA VAL A 291 -17.11 26.05 4.92
C VAL A 291 -18.23 26.50 5.86
N SER A 292 -17.93 27.13 6.99
CA SER A 292 -18.94 27.75 7.88
C SER A 292 -18.58 29.21 8.13
N ARG A 293 -19.59 30.08 8.13
CA ARG A 293 -19.40 31.55 8.01
C ARG A 293 -20.18 32.28 9.10
N ASN A 294 -20.13 31.70 10.30
CA ASN A 294 -20.88 32.08 11.53
C ASN A 294 -19.88 32.57 12.60
N SER A 295 -18.64 32.92 12.23
CA SER A 295 -17.56 33.28 13.20
C SER A 295 -17.07 34.69 12.99
N ARG A 296 -16.56 35.30 14.06
CA ARG A 296 -15.73 36.51 14.04
C ARG A 296 -14.36 36.18 14.66
N GLN A 297 -14.18 36.36 15.96
CA GLN A 297 -12.90 36.00 16.61
C GLN A 297 -12.84 34.48 16.81
N LEU A 298 -11.73 33.90 16.38
CA LEU A 298 -11.36 32.49 16.65
C LEU A 298 -9.94 32.46 17.20
N ASP A 299 -9.68 31.57 18.14
CA ASP A 299 -8.27 31.29 18.51
C ASP A 299 -7.73 30.23 17.53
N LEU A 300 -6.45 29.87 17.62
CA LEU A 300 -5.82 29.03 16.58
C LEU A 300 -6.45 27.65 16.67
N THR A 301 -6.77 27.19 17.87
CA THR A 301 -7.48 25.91 18.01
C THR A 301 -8.83 25.98 17.26
N GLY A 302 -9.58 27.06 17.44
CA GLY A 302 -10.90 27.23 16.80
C GLY A 302 -10.79 27.25 15.28
N ILE A 303 -9.71 27.85 14.76
CA ILE A 303 -9.44 27.87 13.29
C ILE A 303 -9.34 26.43 12.81
N LEU A 304 -8.68 25.55 13.57
CA LEU A 304 -8.60 24.13 13.17
C LEU A 304 -9.97 23.47 13.34
N ILE A 305 -10.63 23.68 14.47
CA ILE A 305 -11.95 23.03 14.71
C ILE A 305 -12.91 23.45 13.59
N LYS A 306 -12.98 24.75 13.24
CA LYS A 306 -13.91 25.25 12.20
C LYS A 306 -13.35 24.97 10.81
N SER A 307 -12.08 24.56 10.68
CA SER A 307 -11.37 24.50 9.39
C SER A 307 -11.59 25.79 8.59
N SER A 308 -11.42 26.94 9.23
CA SER A 308 -11.51 28.26 8.59
C SER A 308 -10.35 28.47 7.62
N ASN A 309 -10.67 28.51 6.33
CA ASN A 309 -9.67 28.83 5.28
C ASN A 309 -9.22 30.29 5.41
N VAL A 310 -10.15 31.15 5.82
CA VAL A 310 -9.87 32.60 6.06
C VAL A 310 -8.84 32.68 7.19
N GLY A 311 -9.12 32.05 8.34
CA GLY A 311 -8.23 32.07 9.51
C GLY A 311 -6.82 31.62 9.15
N ILE A 312 -6.67 30.48 8.48
CA ILE A 312 -5.32 29.91 8.18
C ILE A 312 -4.64 30.78 7.11
N SER A 313 -5.40 31.35 6.18
CA SER A 313 -4.89 32.30 5.14
C SER A 313 -4.26 33.53 5.79
N LYS A 314 -4.94 34.16 6.77
CA LYS A 314 -4.44 35.40 7.43
C LYS A 314 -3.16 35.08 8.19
N ILE A 315 -3.09 33.93 8.84
CA ILE A 315 -1.85 33.47 9.53
C ILE A 315 -0.75 33.25 8.49
N ALA A 316 -1.05 32.55 7.39
CA ALA A 316 -0.08 32.30 6.30
C ALA A 316 0.46 33.63 5.77
N PHE A 317 -0.42 34.59 5.49
CA PHE A 317 0.06 35.93 5.01
C PHE A 317 1.02 36.55 6.02
N ASP A 318 0.79 36.36 7.32
CA ASP A 318 1.64 36.96 8.40
C ASP A 318 3.01 36.26 8.46
N ILE A 319 3.08 34.96 8.30
CA ILE A 319 4.37 34.24 8.49
C ILE A 319 5.07 34.00 7.12
N GLY A 320 4.35 34.06 6.02
CA GLY A 320 4.89 33.78 4.68
C GLY A 320 4.76 32.32 4.28
N ALA A 321 4.51 32.07 3.00
CA ALA A 321 4.33 30.69 2.48
C ALA A 321 5.63 29.91 2.62
N GLU A 322 6.79 30.56 2.52
CA GLU A 322 8.09 29.84 2.60
C GLU A 322 8.18 28.97 3.86
N SER A 323 7.78 29.48 5.04
CA SER A 323 7.84 28.68 6.30
C SER A 323 6.92 27.47 6.16
N ILE A 324 5.76 27.63 5.54
CA ILE A 324 4.77 26.52 5.45
C ILE A 324 5.31 25.48 4.46
N TYR A 325 5.78 25.93 3.30
CA TYR A 325 6.36 25.05 2.25
C TYR A 325 7.46 24.20 2.88
N SER A 326 8.30 24.81 3.71
CA SER A 326 9.46 24.13 4.33
C SER A 326 8.98 23.01 5.27
N VAL A 327 7.96 23.25 6.10
CA VAL A 327 7.45 22.19 7.01
C VAL A 327 6.88 21.06 6.13
N MET A 328 6.05 21.37 5.15
CA MET A 328 5.39 20.33 4.32
C MET A 328 6.45 19.50 3.57
N GLN A 329 7.50 20.14 3.07
CA GLN A 329 8.63 19.44 2.39
C GLN A 329 9.32 18.49 3.36
N GLN A 330 9.65 18.97 4.54
CA GLN A 330 10.42 18.22 5.55
C GLN A 330 9.59 17.03 6.08
N VAL A 331 8.27 17.12 6.11
CA VAL A 331 7.47 15.95 6.58
C VAL A 331 7.19 15.01 5.40
N GLY A 332 7.70 15.33 4.20
CA GLY A 332 7.68 14.38 3.06
C GLY A 332 6.56 14.61 2.06
N LEU A 333 5.71 15.63 2.24
CA LEU A 333 4.51 15.87 1.37
C LEU A 333 5.04 16.19 -0.04
N GLY A 334 4.54 15.49 -1.08
CA GLY A 334 4.99 15.71 -2.48
C GLY A 334 6.40 15.18 -2.75
N GLN A 335 6.93 14.29 -1.89
CA GLN A 335 8.31 13.73 -1.96
C GLN A 335 8.25 12.21 -2.18
N ASP A 336 9.29 11.64 -2.79
CA ASP A 336 9.55 10.18 -2.90
C ASP A 336 9.46 9.52 -1.53
N THR A 337 8.71 8.42 -1.41
CA THR A 337 8.56 7.68 -0.11
C THR A 337 9.74 6.74 0.12
N GLY A 338 10.47 6.38 -0.93
CA GLY A 338 11.64 5.47 -0.88
C GLY A 338 11.21 4.02 -0.77
N LEU A 339 9.95 3.66 -1.01
CA LEU A 339 9.46 2.26 -0.81
C LEU A 339 9.67 1.38 -2.06
N GLY A 340 9.69 1.95 -3.26
CA GLY A 340 10.02 1.20 -4.49
C GLY A 340 8.86 0.33 -4.96
N PHE A 341 7.61 0.69 -4.64
CA PHE A 341 6.41 -0.01 -5.12
C PHE A 341 6.12 0.53 -6.50
N PRO A 342 5.71 -0.38 -7.42
CA PRO A 342 5.54 -0.04 -8.82
C PRO A 342 4.38 0.94 -8.97
N GLY A 343 4.56 1.94 -9.84
CA GLY A 343 3.57 3.00 -10.06
C GLY A 343 3.22 3.77 -8.79
N GLU A 344 4.06 3.74 -7.76
CA GLU A 344 3.96 4.71 -6.63
C GLU A 344 4.08 6.12 -7.22
N ARG A 345 3.12 7.01 -6.92
CA ARG A 345 3.14 8.43 -7.36
C ARG A 345 3.75 9.29 -6.25
N VAL A 346 4.38 10.41 -6.63
CA VAL A 346 5.09 11.33 -5.69
C VAL A 346 4.19 12.53 -5.37
N GLY A 347 3.11 12.73 -6.14
CA GLY A 347 2.26 13.93 -6.07
C GLY A 347 3.05 15.21 -6.35
N ASN A 348 2.73 16.33 -5.69
CA ASN A 348 3.30 17.64 -6.10
C ASN A 348 3.14 18.66 -4.97
N LEU A 349 4.28 19.15 -4.49
CA LEU A 349 4.39 20.31 -3.58
C LEU A 349 5.08 21.40 -4.38
N PRO A 350 4.30 22.28 -5.01
CA PRO A 350 4.84 23.26 -5.94
C PRO A 350 5.62 24.30 -5.14
N ASN A 351 6.71 24.79 -5.73
CA ASN A 351 7.56 25.83 -5.09
C ASN A 351 7.52 27.06 -5.99
N HIS A 352 7.82 28.20 -5.38
CA HIS A 352 7.83 29.52 -6.04
C HIS A 352 9.00 30.30 -5.45
N ARG A 353 9.53 31.25 -6.21
CA ARG A 353 10.47 32.22 -5.62
C ARG A 353 9.63 33.27 -4.89
N LYS A 354 8.54 33.65 -5.53
CA LYS A 354 7.63 34.74 -5.13
C LYS A 354 6.30 34.07 -4.85
N TRP A 355 5.84 34.12 -3.60
CA TRP A 355 4.51 33.55 -3.28
C TRP A 355 3.49 34.68 -3.22
N PRO A 356 2.62 34.87 -4.22
CA PRO A 356 1.52 35.79 -4.07
C PRO A 356 0.53 35.23 -3.04
N LYS A 357 -0.36 36.11 -2.60
CA LYS A 357 -1.42 35.85 -1.59
C LYS A 357 -2.24 34.63 -2.01
N ALA A 358 -2.62 34.53 -3.28
CA ALA A 358 -3.51 33.45 -3.76
C ALA A 358 -2.86 32.09 -3.53
N GLU A 359 -1.59 31.94 -3.92
CA GLU A 359 -0.86 30.64 -3.83
C GLU A 359 -0.54 30.37 -2.36
N THR A 360 -0.24 31.43 -1.60
CA THR A 360 0.11 31.31 -0.17
C THR A 360 -1.08 30.73 0.56
N ALA A 361 -2.27 31.27 0.29
CA ALA A 361 -3.53 30.86 0.95
C ALA A 361 -3.83 29.41 0.55
N THR A 362 -3.80 29.09 -0.74
CA THR A 362 -4.18 27.73 -1.23
C THR A 362 -3.21 26.69 -0.66
N LEU A 363 -1.92 27.01 -0.49
CA LEU A 363 -0.99 26.05 0.16
C LEU A 363 -1.41 25.85 1.62
N ALA A 364 -1.67 26.94 2.35
CA ALA A 364 -1.97 26.90 3.80
C ALA A 364 -3.23 26.08 4.11
N TYR A 365 -4.28 26.17 3.30
CA TYR A 365 -5.52 25.37 3.55
C TYR A 365 -5.56 24.13 2.65
N GLY A 366 -4.44 23.78 2.01
CA GLY A 366 -4.20 22.41 1.50
C GLY A 366 -4.77 22.14 0.11
N TYR A 367 -5.01 23.18 -0.71
CA TYR A 367 -5.42 22.99 -2.13
C TYR A 367 -4.25 23.28 -3.06
N GLY A 368 -3.15 23.80 -2.55
CA GLY A 368 -1.96 24.10 -3.35
C GLY A 368 -0.97 22.96 -3.41
N LEU A 369 -1.41 21.70 -3.38
CA LEU A 369 -0.50 20.53 -3.42
C LEU A 369 -1.33 19.23 -3.60
N SER A 370 -0.68 18.17 -4.02
CA SER A 370 -1.31 16.84 -4.10
C SER A 370 -0.39 15.80 -3.47
N VAL A 371 -1.02 14.89 -2.72
CA VAL A 371 -0.28 13.88 -1.90
C VAL A 371 -0.97 12.52 -2.08
N THR A 372 -0.33 11.48 -1.58
CA THR A 372 -0.90 10.12 -1.48
C THR A 372 -1.25 9.90 -0.02
N ALA A 373 -2.14 8.94 0.24
CA ALA A 373 -2.50 8.58 1.61
C ALA A 373 -1.23 8.19 2.38
N ILE A 374 -0.29 7.51 1.75
CA ILE A 374 0.95 7.05 2.46
C ILE A 374 1.75 8.28 2.91
N GLN A 375 1.87 9.28 2.04
CA GLN A 375 2.62 10.51 2.38
C GLN A 375 1.94 11.19 3.56
N LEU A 376 0.62 11.31 3.52
CA LEU A 376 -0.09 12.03 4.56
C LEU A 376 0.15 11.31 5.89
N ALA A 377 0.04 9.99 5.89
CA ALA A 377 0.23 9.14 7.09
C ALA A 377 1.65 9.36 7.62
N HIS A 378 2.63 9.41 6.73
CA HIS A 378 4.05 9.62 7.12
C HIS A 378 4.22 11.00 7.77
N ALA A 379 3.52 12.02 7.27
CA ALA A 379 3.59 13.40 7.80
C ALA A 379 2.96 13.40 9.21
N TYR A 380 1.81 12.75 9.37
CA TYR A 380 1.15 12.63 10.70
C TYR A 380 2.04 11.83 11.66
N ALA A 381 2.72 10.80 11.16
CA ALA A 381 3.66 10.05 12.01
C ALA A 381 4.74 11.00 12.57
N ALA A 382 5.32 11.89 11.77
CA ALA A 382 6.39 12.80 12.21
C ALA A 382 5.84 13.76 13.30
N LEU A 383 4.65 14.31 13.11
CA LEU A 383 4.04 15.22 14.11
C LEU A 383 3.80 14.42 15.42
N ALA A 384 3.28 13.22 15.28
CA ALA A 384 2.94 12.31 16.40
C ALA A 384 4.22 11.89 17.13
N ASN A 385 5.34 11.77 16.42
CA ASN A 385 6.62 11.24 17.02
C ASN A 385 7.42 12.41 17.56
N ASP A 386 6.70 13.35 18.19
CA ASP A 386 7.19 14.63 18.75
C ASP A 386 8.08 15.39 17.74
N GLY A 387 7.67 15.43 16.48
CA GLY A 387 8.37 16.26 15.49
C GLY A 387 9.46 15.49 14.78
N LYS A 388 9.68 14.21 15.07
CA LYS A 388 10.78 13.44 14.41
C LYS A 388 10.27 12.50 13.30
N SER A 389 10.76 12.68 12.08
CA SER A 389 10.45 11.83 10.91
CA SER A 389 10.45 11.83 10.91
C SER A 389 11.37 10.60 10.92
N VAL A 390 10.81 9.43 10.68
CA VAL A 390 11.51 8.13 10.55
C VAL A 390 11.16 7.68 9.15
N PRO A 391 12.12 7.14 8.37
CA PRO A 391 11.82 6.67 7.03
C PRO A 391 10.72 5.61 7.04
N LEU A 392 9.85 5.64 6.04
CA LEU A 392 8.80 4.62 5.81
C LEU A 392 9.46 3.28 5.59
N SER A 393 8.86 2.22 6.12
CA SER A 393 9.31 0.85 5.85
C SER A 393 8.11 -0.07 5.66
N MET A 394 8.20 -0.95 4.67
CA MET A 394 7.20 -2.04 4.46
C MET A 394 7.80 -3.36 4.94
N THR A 395 8.99 -3.33 5.50
CA THR A 395 9.62 -4.54 6.06
C THR A 395 9.75 -4.35 7.57
N ARG A 396 9.80 -5.45 8.32
CA ARG A 396 9.94 -5.40 9.79
C ARG A 396 11.23 -4.65 10.14
N VAL A 397 11.12 -3.63 10.98
CA VAL A 397 12.25 -2.81 11.49
C VAL A 397 12.68 -3.37 12.85
N ASP A 398 13.89 -3.89 12.94
CA ASP A 398 14.47 -4.42 14.21
C ASP A 398 15.37 -3.33 14.83
N ARG A 399 16.14 -2.62 14.03
CA ARG A 399 17.00 -1.50 14.46
C ARG A 399 16.43 -0.26 13.81
N VAL A 400 15.85 0.62 14.63
CA VAL A 400 15.17 1.83 14.15
C VAL A 400 16.21 2.82 13.67
N PRO A 401 16.07 3.36 12.44
CA PRO A 401 16.91 4.47 11.99
C PRO A 401 16.81 5.70 12.89
N ASP A 402 17.82 6.58 12.86
CA ASP A 402 17.86 7.81 13.69
C ASP A 402 16.72 8.74 13.30
N GLY A 403 16.43 8.92 12.03
CA GLY A 403 15.34 9.86 11.68
C GLY A 403 15.65 11.31 12.06
N VAL A 404 14.85 12.26 11.59
CA VAL A 404 15.23 13.70 11.54
C VAL A 404 14.23 14.52 12.36
N GLN A 405 14.72 15.46 13.17
CA GLN A 405 13.84 16.38 13.94
C GLN A 405 13.35 17.46 12.99
N VAL A 406 12.13 17.38 12.44
CA VAL A 406 11.70 18.31 11.35
C VAL A 406 10.86 19.43 11.98
N ILE A 407 10.18 19.12 13.07
CA ILE A 407 9.40 20.12 13.86
C ILE A 407 9.96 20.03 15.27
N SER A 408 10.14 21.17 15.96
CA SER A 408 10.67 21.18 17.34
C SER A 408 9.70 20.43 18.24
N PRO A 409 10.19 19.61 19.19
CA PRO A 409 9.31 18.82 20.03
C PRO A 409 8.25 19.67 20.72
N GLU A 410 8.59 20.91 21.06
CA GLU A 410 7.66 21.83 21.78
C GLU A 410 6.49 22.20 20.85
N VAL A 411 6.79 22.60 19.64
CA VAL A 411 5.76 22.89 18.62
C VAL A 411 4.95 21.62 18.36
N ALA A 412 5.58 20.44 18.24
CA ALA A 412 4.88 19.19 17.91
C ALA A 412 3.90 18.87 19.04
N SER A 413 4.36 19.02 20.27
CA SER A 413 3.53 18.85 21.49
C SER A 413 2.31 19.79 21.45
N THR A 414 2.52 21.06 21.14
CA THR A 414 1.44 22.08 21.12
C THR A 414 0.42 21.68 20.06
N VAL A 415 0.88 21.30 18.88
CA VAL A 415 -0.02 20.95 17.75
C VAL A 415 -0.75 19.64 18.08
N GLN A 416 -0.10 18.66 18.70
CA GLN A 416 -0.79 17.43 19.17
C GLN A 416 -2.00 17.80 20.08
N GLY A 417 -1.76 18.70 21.02
CA GLY A 417 -2.76 19.21 21.99
C GLY A 417 -3.90 19.90 21.27
N MET A 418 -3.60 20.62 20.19
CA MET A 418 -4.63 21.26 19.33
CA MET A 418 -4.66 21.26 19.38
C MET A 418 -5.48 20.21 18.64
N LEU A 419 -4.83 19.17 18.09
CA LEU A 419 -5.55 18.11 17.33
C LEU A 419 -6.37 17.23 18.30
N GLN A 420 -5.93 17.10 19.54
CA GLN A 420 -6.72 16.41 20.60
C GLN A 420 -8.04 17.18 20.84
N GLN A 421 -7.94 18.50 21.01
CA GLN A 421 -9.10 19.43 21.20
C GLN A 421 -9.98 19.43 19.95
N VAL A 422 -9.42 19.27 18.74
CA VAL A 422 -10.23 19.12 17.51
C VAL A 422 -11.12 17.89 17.65
N VAL A 423 -10.64 16.84 18.30
CA VAL A 423 -11.44 15.58 18.44
C VAL A 423 -12.35 15.75 19.66
N GLU A 424 -11.92 16.47 20.70
CA GLU A 424 -12.53 16.42 22.06
C GLU A 424 -13.39 17.65 22.38
N ALA A 425 -13.05 18.83 21.86
CA ALA A 425 -13.69 20.10 22.29
C ALA A 425 -15.12 20.12 21.75
N GLN A 426 -16.01 20.88 22.38
CA GLN A 426 -17.39 21.11 21.85
C GLN A 426 -17.25 21.79 20.48
N GLY A 427 -18.05 21.34 19.50
CA GLY A 427 -17.96 21.79 18.10
C GLY A 427 -16.95 20.96 17.31
N GLY A 428 -16.16 20.11 17.98
CA GLY A 428 -15.09 19.29 17.39
C GLY A 428 -15.59 18.02 16.69
N VAL A 429 -14.66 17.20 16.21
CA VAL A 429 -14.96 15.94 15.44
C VAL A 429 -15.18 14.79 16.45
N PHE A 430 -16.31 14.80 17.17
CA PHE A 430 -16.61 13.93 18.33
C PHE A 430 -16.65 12.45 17.91
N ARG A 431 -16.99 12.17 16.63
CA ARG A 431 -17.07 10.82 16.04
C ARG A 431 -15.68 10.17 15.92
N ALA A 432 -14.60 10.91 16.16
CA ALA A 432 -13.20 10.43 16.07
C ALA A 432 -12.75 9.96 17.45
N GLN A 433 -13.51 10.27 18.48
CA GLN A 433 -13.06 10.00 19.86
C GLN A 433 -12.84 8.50 19.93
N VAL A 434 -11.83 8.09 20.66
CA VAL A 434 -11.44 6.66 20.71
C VAL A 434 -11.68 6.22 22.15
N PRO A 435 -12.64 5.29 22.33
CA PRO A 435 -13.05 4.87 23.68
C PRO A 435 -11.90 4.09 24.32
N GLY A 436 -11.30 4.68 25.34
CA GLY A 436 -10.04 4.26 25.98
C GLY A 436 -9.11 5.46 26.17
N TYR A 437 -8.82 6.13 25.05
CA TYR A 437 -7.62 6.97 24.88
C TYR A 437 -8.02 8.34 24.34
N HIS A 438 -7.30 9.38 24.72
CA HIS A 438 -7.28 10.68 24.01
C HIS A 438 -6.79 10.40 22.57
N ALA A 439 -7.61 10.64 21.54
CA ALA A 439 -7.20 10.68 20.12
C ALA A 439 -6.98 12.11 19.64
N ALA A 440 -6.16 12.26 18.60
CA ALA A 440 -5.93 13.55 17.92
C ALA A 440 -6.04 13.38 16.41
N GLY A 441 -6.60 14.38 15.72
CA GLY A 441 -6.67 14.34 14.26
C GLY A 441 -7.51 15.46 13.68
N LYS A 442 -7.72 15.37 12.37
CA LYS A 442 -8.31 16.41 11.51
C LYS A 442 -8.97 15.74 10.34
N SER A 443 -10.22 16.14 10.04
CA SER A 443 -10.91 15.74 8.81
C SER A 443 -10.47 16.68 7.68
N GLY A 444 -10.73 16.25 6.46
CA GLY A 444 -10.71 17.11 5.27
C GLY A 444 -11.61 16.54 4.20
N THR A 445 -11.87 17.35 3.17
CA THR A 445 -12.49 16.87 1.93
C THR A 445 -11.57 17.25 0.78
N ALA A 446 -11.25 16.31 -0.12
CA ALA A 446 -10.49 16.54 -1.37
C ALA A 446 -11.46 16.46 -2.55
N ARG A 447 -11.41 17.42 -3.48
CA ARG A 447 -12.42 17.50 -4.58
C ARG A 447 -12.08 16.48 -5.66
N LYS A 448 -13.11 16.04 -6.40
CA LYS A 448 -13.01 15.09 -7.55
C LYS A 448 -13.69 15.71 -8.77
N ALA A 460 -18.72 15.40 -6.53
CA ALA A 460 -17.88 14.21 -6.20
C ALA A 460 -16.64 14.64 -5.41
N TYR A 461 -16.27 13.89 -4.36
CA TYR A 461 -15.11 14.19 -3.49
C TYR A 461 -14.66 12.95 -2.70
N ARG A 462 -13.53 13.08 -2.00
CA ARG A 462 -13.06 12.09 -0.99
C ARG A 462 -13.21 12.66 0.41
N SER A 463 -13.74 11.85 1.32
CA SER A 463 -13.72 12.13 2.77
C SER A 463 -12.36 11.66 3.34
N LEU A 464 -11.67 12.51 4.09
CA LEU A 464 -10.34 12.20 4.68
C LEU A 464 -10.43 12.32 6.20
N PHE A 465 -9.71 11.46 6.92
CA PHE A 465 -9.40 11.69 8.33
C PHE A 465 -7.96 11.21 8.52
N ALA A 466 -7.15 12.03 9.16
CA ALA A 466 -5.75 11.72 9.53
C ALA A 466 -5.62 12.00 11.00
N GLY A 467 -4.95 11.09 11.69
CA GLY A 467 -4.86 11.25 13.14
C GLY A 467 -3.87 10.27 13.72
N PHE A 468 -3.77 10.35 15.03
CA PHE A 468 -2.90 9.46 15.80
C PHE A 468 -3.48 9.30 17.21
N ALA A 469 -2.94 8.33 17.90
CA ALA A 469 -3.26 8.08 19.32
C ALA A 469 -2.21 7.17 19.91
N PRO A 470 -2.14 7.10 21.26
CA PRO A 470 -2.85 8.00 22.16
C PRO A 470 -2.29 9.43 22.17
N ALA A 471 -3.14 10.44 22.38
CA ALA A 471 -2.82 11.87 22.16
C ALA A 471 -1.62 12.34 23.00
N THR A 472 -1.47 11.83 24.22
CA THR A 472 -0.38 12.26 25.15
C THR A 472 0.94 11.58 24.77
N ASP A 473 0.87 10.30 24.39
CA ASP A 473 2.03 9.38 24.21
C ASP A 473 1.86 8.59 22.90
N PRO A 474 1.83 9.27 21.73
CA PRO A 474 1.33 8.64 20.51
C PRO A 474 2.10 7.41 20.04
N ARG A 475 1.39 6.42 19.53
CA ARG A 475 1.98 5.15 19.06
C ARG A 475 1.69 4.93 17.59
N ILE A 476 0.49 5.31 17.11
CA ILE A 476 -0.09 4.89 15.82
C ILE A 476 -0.59 6.15 15.12
N ALA A 477 -0.26 6.29 13.85
CA ALA A 477 -0.86 7.32 12.97
C ALA A 477 -1.74 6.55 12.01
N MET A 478 -2.80 7.20 11.54
CA MET A 478 -3.72 6.54 10.60
C MET A 478 -4.33 7.58 9.65
N VAL A 479 -4.46 7.21 8.39
CA VAL A 479 -5.22 7.99 7.38
C VAL A 479 -6.34 7.10 6.86
N VAL A 480 -7.53 7.67 6.80
CA VAL A 480 -8.72 7.01 6.20
C VAL A 480 -9.16 7.90 5.05
N VAL A 481 -9.27 7.33 3.87
CA VAL A 481 -9.80 7.95 2.64
C VAL A 481 -11.03 7.17 2.21
N ILE A 482 -12.17 7.86 2.05
CA ILE A 482 -13.40 7.25 1.43
C ILE A 482 -13.82 8.13 0.27
N ASP A 483 -13.75 7.60 -0.94
CA ASP A 483 -13.96 8.29 -2.22
C ASP A 483 -15.48 8.26 -2.49
N GLU A 484 -16.08 9.44 -2.65
CA GLU A 484 -17.47 9.66 -3.15
C GLU A 484 -18.48 8.86 -2.32
N PRO A 485 -18.68 9.25 -1.03
CA PRO A 485 -19.78 8.71 -0.23
C PRO A 485 -21.12 9.36 -0.64
N SER A 486 -22.23 8.86 -0.06
CA SER A 486 -23.64 9.24 -0.39
C SER A 486 -24.39 9.68 0.87
N GLY A 492 -18.52 16.04 4.75
CA GLY A 492 -17.65 15.09 4.02
C GLY A 492 -16.83 14.24 4.98
N GLY A 493 -15.92 14.86 5.74
CA GLY A 493 -14.94 14.24 6.64
C GLY A 493 -15.53 13.55 7.87
N LEU A 494 -16.83 13.75 8.18
CA LEU A 494 -17.54 13.04 9.29
C LEU A 494 -18.12 11.70 8.79
N VAL A 495 -17.61 11.23 7.65
CA VAL A 495 -17.76 9.85 7.15
C VAL A 495 -16.55 9.04 7.62
N SER A 496 -15.35 9.61 7.48
CA SER A 496 -14.07 8.91 7.75
C SER A 496 -13.78 8.84 9.25
N ALA A 497 -14.20 9.84 10.01
CA ALA A 497 -13.99 9.98 11.46
C ALA A 497 -14.37 8.70 12.18
N PRO A 498 -15.60 8.13 11.99
CA PRO A 498 -15.99 6.90 12.68
C PRO A 498 -15.14 5.66 12.34
N VAL A 499 -14.70 5.55 11.09
CA VAL A 499 -13.79 4.49 10.56
C VAL A 499 -12.49 4.54 11.36
N PHE A 500 -11.96 5.75 11.56
CA PHE A 500 -10.74 6.01 12.36
C PHE A 500 -11.02 5.58 13.79
N SER A 501 -12.14 6.00 14.36
CA SER A 501 -12.50 5.63 15.76
C SER A 501 -12.39 4.10 15.91
N LYS A 502 -13.01 3.32 15.03
CA LYS A 502 -13.17 1.84 15.18
C LYS A 502 -11.79 1.17 15.01
N VAL A 503 -11.08 1.48 13.93
CA VAL A 503 -9.80 0.80 13.58
C VAL A 503 -8.75 1.19 14.62
N MET A 504 -8.71 2.45 15.05
CA MET A 504 -7.72 2.93 16.05
C MET A 504 -7.96 2.19 17.37
N ALA A 505 -9.20 2.10 17.87
CA ALA A 505 -9.47 1.40 19.15
C ALA A 505 -8.95 -0.05 19.03
N GLY A 506 -9.28 -0.71 17.91
CA GLY A 506 -8.93 -2.10 17.54
C GLY A 506 -7.43 -2.31 17.39
N ALA A 507 -6.74 -1.36 16.76
CA ALA A 507 -5.28 -1.39 16.57
C ALA A 507 -4.59 -1.25 17.92
N LEU A 508 -5.00 -0.26 18.74
CA LEU A 508 -4.33 0.00 20.02
C LEU A 508 -4.51 -1.22 20.93
N ARG A 509 -5.61 -1.96 20.78
CA ARG A 509 -5.88 -3.11 21.68
C ARG A 509 -5.08 -4.32 21.18
N LEU A 510 -5.00 -4.52 19.87
CA LEU A 510 -4.25 -5.67 19.30
C LEU A 510 -2.77 -5.51 19.64
N MET A 511 -2.36 -4.26 19.91
CA MET A 511 -0.94 -3.89 20.19
C MET A 511 -0.75 -3.72 21.69
N ASN A 512 -1.78 -4.04 22.46
CA ASN A 512 -1.75 -4.07 23.93
C ASN A 512 -1.33 -2.68 24.41
N VAL A 513 -1.74 -1.61 23.74
CA VAL A 513 -1.46 -0.24 24.25
C VAL A 513 -2.44 0.09 25.39
N PRO A 514 -1.98 0.75 26.46
CA PRO A 514 -2.85 1.08 27.61
C PRO A 514 -3.47 2.47 27.60
N PRO A 515 -4.78 2.57 27.92
CA PRO A 515 -5.46 3.87 28.07
C PRO A 515 -4.72 5.00 28.79
N ASP A 516 -4.89 6.24 28.29
CA ASP A 516 -4.31 7.47 28.87
C ASP A 516 -5.42 8.46 29.26
N ASN A 517 -6.68 8.00 29.19
CA ASN A 517 -7.88 8.76 29.65
C ASN A 517 -8.44 8.04 30.89
N LEU A 518 -7.85 8.27 32.07
CA LEU A 518 -8.20 7.58 33.35
C LEU A 518 -8.55 8.60 34.43
N PRO A 519 -9.15 8.18 35.58
CA PRO A 519 -9.54 9.10 36.64
C PRO A 519 -8.40 9.37 37.64
C1 S1B B . -15.57 21.83 0.41
C2 S1B B . -14.19 22.22 0.94
C3 S1B B . -14.72 24.62 0.54
C4 S1B B . -15.50 25.71 1.28
C5 S1B B . -15.72 24.10 -0.51
C6 S1B B . -13.54 25.25 -0.20
C7 S1B B . -13.90 23.92 2.78
C8 S1B B . -13.68 22.85 3.79
C9 S1B B . -12.55 22.96 4.61
C10 S1B B . -12.34 22.12 5.70
C11 S1B B . -13.26 21.09 5.90
C12 S1B B . -14.39 20.96 5.09
C13 S1B B . -14.59 21.84 4.06
C14 S1B B . -12.82 20.16 6.99
O1 S1B B . -11.62 20.75 7.55
O4 S1B B . -13.68 25.08 3.12
N1 S1B B . -14.21 23.58 1.50
O S1B B . -16.22 24.93 -1.25
N S1B B . -16.05 22.80 -0.57
C S1B B . -16.60 22.27 -1.82
B S1B B . -11.09 21.91 6.74
#